data_8UYN
#
_entry.id   8UYN
#
_cell.length_a   116.148
_cell.length_b   116.148
_cell.length_c   117.562
_cell.angle_alpha   90.00
_cell.angle_beta   90.00
_cell.angle_gamma   90.00
#
_symmetry.space_group_name_H-M   'P 41 21 2'
#
loop_
_entity.id
_entity.type
_entity.pdbx_description
1 polymer 'Neutrophil gelatinase-associated lipocalin'
2 non-polymer 'LANTHANUM (III) ION'
3 non-polymer "N,N'-butane-1,4-diylbis[1-hydroxy-N-(3-{[(1-hydroxy-6-oxo-1,6-dihydropyridin-2-yl)carbonyl]amino}propyl)-6-oxo-1,6-dihydropyridine-2-carboxamide]"
4 non-polymer 'SULFATE ION'
5 non-polymer "PIPERAZINE-N,N'-BIS(2-ETHANESULFONIC ACID)"
6 water water
#
_entity_poly.entity_id   1
_entity_poly.type   'polypeptide(L)'
_entity_poly.pdbx_seq_one_letter_code
;QDSTSDLIPAPPLSKVPLQQNFQDNQFQGKWYVVGLAGNAILREDKDPQKMYATIYELKEDKSYNVTSVLFRKKKCDYWI
RTFVPGSQPGEFTLGNIKSYPGLTSYLVRVVSTNYNQHAMVFFKKVSQNREYFKITLYGRTKELTSELKENFIRFSKSLG
LPENHIVFPVPIDQCIDG
;
_entity_poly.pdbx_strand_id   A,B,C
#
# COMPACT_ATOMS: atom_id res chain seq x y z
N ASP A 2 -14.58 -9.25 -38.28
CA ASP A 2 -14.48 -7.90 -38.91
C ASP A 2 -14.42 -6.83 -37.81
N SER A 3 -13.34 -6.05 -37.76
CA SER A 3 -13.12 -4.99 -36.73
C SER A 3 -11.90 -4.11 -37.03
N THR A 4 -11.86 -2.99 -36.32
CA THR A 4 -10.68 -2.09 -36.17
C THR A 4 -10.39 -1.97 -34.68
N SER A 5 -9.11 -2.00 -34.32
CA SER A 5 -8.60 -1.93 -32.93
C SER A 5 -7.23 -1.25 -32.94
N ASP A 6 -6.96 -0.39 -31.95
CA ASP A 6 -5.69 0.35 -31.82
C ASP A 6 -5.14 0.05 -30.42
N LEU A 7 -3.96 -0.53 -30.33
CA LEU A 7 -3.38 -0.99 -29.05
C LEU A 7 -2.00 -0.35 -28.86
N ILE A 8 -1.73 0.03 -27.63
CA ILE A 8 -0.35 0.39 -27.19
C ILE A 8 0.51 -0.83 -27.44
N PRO A 9 1.66 -0.71 -28.12
CA PRO A 9 2.51 -1.87 -28.42
C PRO A 9 3.02 -2.54 -27.13
N ALA A 10 3.12 -3.86 -27.15
CA ALA A 10 3.76 -4.64 -26.07
C ALA A 10 5.19 -4.15 -25.94
N PRO A 11 5.73 -4.04 -24.71
CA PRO A 11 7.11 -3.62 -24.54
C PRO A 11 8.00 -4.80 -24.92
N PRO A 12 9.29 -4.59 -25.25
CA PRO A 12 10.21 -5.70 -25.42
C PRO A 12 10.42 -6.33 -24.03
N LEU A 13 10.62 -7.65 -24.00
CA LEU A 13 10.80 -8.44 -22.74
C LEU A 13 12.05 -7.95 -21.99
N SER A 14 12.99 -7.29 -22.67
CA SER A 14 14.18 -6.65 -22.04
C SER A 14 13.75 -5.59 -21.01
N LYS A 15 12.56 -4.98 -21.12
CA LYS A 15 12.09 -3.99 -20.12
C LYS A 15 11.30 -4.67 -18.99
N VAL A 16 11.16 -5.99 -19.01
CA VAL A 16 10.31 -6.71 -18.02
C VAL A 16 11.23 -7.59 -17.17
N PRO A 17 11.62 -7.12 -15.97
CA PRO A 17 12.50 -7.91 -15.10
C PRO A 17 11.88 -9.26 -14.76
N LEU A 18 12.74 -10.20 -14.40
CA LEU A 18 12.35 -11.53 -13.85
C LEU A 18 12.78 -11.56 -12.39
N GLN A 19 11.91 -11.99 -11.49
CA GLN A 19 12.26 -12.14 -10.06
C GLN A 19 13.47 -13.07 -9.96
N GLN A 20 14.55 -12.61 -9.36
CA GLN A 20 15.79 -13.42 -9.16
C GLN A 20 15.45 -14.55 -8.18
N ASN A 21 15.96 -15.75 -8.43
CA ASN A 21 15.90 -16.87 -7.45
C ASN A 21 14.43 -17.20 -7.18
N PHE A 22 13.57 -17.24 -8.19
CA PHE A 22 12.12 -17.49 -8.01
C PHE A 22 11.90 -18.82 -7.26
N GLN A 23 11.09 -18.80 -6.20
CA GLN A 23 10.76 -19.98 -5.35
C GLN A 23 9.31 -20.40 -5.65
N ASP A 24 9.12 -21.39 -6.52
CA ASP A 24 7.78 -21.80 -7.01
C ASP A 24 6.88 -22.23 -5.85
N ASN A 25 7.43 -22.88 -4.83
CA ASN A 25 6.65 -23.42 -3.68
C ASN A 25 6.09 -22.25 -2.85
N GLN A 26 6.84 -21.15 -2.69
CA GLN A 26 6.47 -19.98 -1.85
C GLN A 26 5.45 -19.11 -2.59
N PHE A 27 5.38 -19.22 -3.92
CA PHE A 27 4.44 -18.40 -4.72
C PHE A 27 3.02 -18.97 -4.67
N GLN A 28 2.86 -20.20 -4.22
CA GLN A 28 1.56 -20.92 -4.14
C GLN A 28 0.56 -20.20 -3.24
N GLY A 29 -0.71 -20.57 -3.39
CA GLY A 29 -1.82 -20.12 -2.54
C GLY A 29 -2.58 -18.96 -3.16
N LYS A 30 -3.33 -18.24 -2.32
CA LYS A 30 -4.27 -17.21 -2.79
C LYS A 30 -3.59 -15.85 -2.92
N TRP A 31 -3.83 -15.18 -4.04
CA TRP A 31 -3.43 -13.78 -4.29
C TRP A 31 -4.68 -13.00 -4.68
N TYR A 32 -4.85 -11.82 -4.10
CA TYR A 32 -5.89 -10.85 -4.53
C TYR A 32 -5.31 -9.96 -5.62
N VAL A 33 -6.11 -9.64 -6.63
CA VAL A 33 -5.70 -8.69 -7.69
C VAL A 33 -6.03 -7.28 -7.19
N VAL A 34 -5.01 -6.60 -6.67
CA VAL A 34 -5.16 -5.26 -6.06
C VAL A 34 -4.88 -4.18 -7.10
N GLY A 35 -4.19 -4.52 -8.18
CA GLY A 35 -3.94 -3.61 -9.31
C GLY A 35 -3.87 -4.34 -10.63
N LEU A 36 -4.32 -3.68 -11.69
CA LEU A 36 -4.33 -4.21 -13.08
C LEU A 36 -3.95 -3.09 -14.02
N ALA A 37 -3.03 -3.33 -14.94
CA ALA A 37 -2.65 -2.36 -15.98
C ALA A 37 -2.40 -3.10 -17.27
N GLY A 38 -2.78 -2.55 -18.41
CA GLY A 38 -2.54 -3.24 -19.68
C GLY A 38 -3.11 -2.48 -20.84
N ASN A 39 -2.79 -2.92 -22.05
CA ASN A 39 -3.19 -2.20 -23.29
C ASN A 39 -4.65 -2.49 -23.60
N ALA A 40 -5.32 -3.42 -22.91
CA ALA A 40 -6.78 -3.60 -23.03
C ALA A 40 -7.46 -3.39 -21.66
N ILE A 41 -6.79 -2.73 -20.70
CA ILE A 41 -7.38 -2.31 -19.39
C ILE A 41 -7.80 -0.84 -19.51
N LEU A 42 -9.05 -0.50 -19.19
CA LEU A 42 -9.57 0.90 -19.27
C LEU A 42 -10.31 1.25 -17.97
N ARG A 43 -9.91 2.34 -17.29
CA ARG A 43 -10.57 2.89 -16.08
C ARG A 43 -12.04 3.19 -16.44
N GLU A 44 -13.00 2.71 -15.65
CA GLU A 44 -14.46 2.69 -15.97
C GLU A 44 -15.28 3.02 -14.70
N ASP A 45 -15.83 4.23 -14.63
CA ASP A 45 -16.40 4.81 -13.39
C ASP A 45 -17.87 4.38 -13.22
N LYS A 46 -18.51 3.90 -14.30
CA LYS A 46 -19.93 3.45 -14.32
C LYS A 46 -20.09 2.20 -13.45
N ASP A 47 -19.43 1.10 -13.82
CA ASP A 47 -19.15 -0.07 -12.95
C ASP A 47 -17.64 -0.16 -12.74
N PRO A 48 -17.09 0.35 -11.61
CA PRO A 48 -15.68 0.12 -11.27
C PRO A 48 -15.44 -1.38 -11.16
N GLN A 49 -14.28 -1.82 -11.64
CA GLN A 49 -13.80 -3.23 -11.64
C GLN A 49 -13.77 -3.73 -10.19
N LYS A 50 -14.41 -4.86 -9.93
CA LYS A 50 -14.39 -5.56 -8.62
C LYS A 50 -13.13 -6.41 -8.53
N MET A 51 -12.52 -6.43 -7.34
CA MET A 51 -11.41 -7.34 -7.01
C MET A 51 -11.82 -8.80 -7.29
N TYR A 52 -10.88 -9.57 -7.80
CA TYR A 52 -10.97 -11.03 -7.92
C TYR A 52 -9.69 -11.61 -7.32
N ALA A 53 -9.66 -12.92 -7.15
CA ALA A 53 -8.54 -13.63 -6.52
C ALA A 53 -8.08 -14.74 -7.47
N THR A 54 -6.79 -15.04 -7.41
CA THR A 54 -6.16 -16.12 -8.21
C THR A 54 -5.40 -17.02 -7.24
N ILE A 55 -5.65 -18.32 -7.33
CA ILE A 55 -4.99 -19.36 -6.49
C ILE A 55 -4.03 -20.16 -7.37
N TYR A 56 -2.78 -20.21 -6.94
CA TYR A 56 -1.68 -20.96 -7.60
C TYR A 56 -1.42 -22.26 -6.82
N GLU A 57 -1.58 -23.41 -7.47
CA GLU A 57 -1.30 -24.74 -6.85
C GLU A 57 -0.21 -25.41 -7.66
N LEU A 58 0.93 -25.69 -7.02
CA LEU A 58 2.10 -26.33 -7.65
C LEU A 58 1.77 -27.82 -7.78
N LYS A 59 1.78 -28.35 -9.00
CA LYS A 59 1.50 -29.78 -9.28
C LYS A 59 2.80 -30.58 -9.12
N GLU A 60 2.71 -31.92 -9.10
CA GLU A 60 3.87 -32.86 -8.99
C GLU A 60 4.86 -32.55 -10.10
N ASP A 61 4.37 -32.24 -11.32
CA ASP A 61 5.21 -31.98 -12.52
C ASP A 61 5.73 -30.54 -12.52
N LYS A 62 5.44 -29.74 -11.48
CA LYS A 62 6.01 -28.39 -11.26
C LYS A 62 5.31 -27.34 -12.13
N SER A 63 4.27 -27.71 -12.88
CA SER A 63 3.31 -26.74 -13.48
C SER A 63 2.42 -26.20 -12.36
N TYR A 64 1.78 -25.05 -12.58
CA TYR A 64 0.72 -24.53 -11.68
C TYR A 64 -0.65 -24.81 -12.26
N ASN A 65 -1.54 -25.31 -11.41
CA ASN A 65 -3.01 -25.18 -11.59
CA ASN A 65 -3.01 -25.18 -11.59
C ASN A 65 -3.37 -23.78 -11.09
N VAL A 66 -3.93 -22.95 -11.98
CA VAL A 66 -4.25 -21.54 -11.64
C VAL A 66 -5.76 -21.36 -11.76
N THR A 67 -6.41 -21.01 -10.64
CA THR A 67 -7.87 -20.81 -10.55
C THR A 67 -8.13 -19.35 -10.17
N SER A 68 -8.85 -18.63 -11.01
CA SER A 68 -9.33 -17.27 -10.69
C SER A 68 -10.80 -17.39 -10.29
N VAL A 69 -11.17 -16.65 -9.26
CA VAL A 69 -12.56 -16.58 -8.72
C VAL A 69 -13.02 -15.13 -8.89
N LEU A 70 -14.11 -14.92 -9.62
CA LEU A 70 -14.72 -13.59 -9.87
C LEU A 70 -16.18 -13.63 -9.42
N PHE A 71 -16.65 -12.52 -8.87
CA PHE A 71 -18.07 -12.30 -8.53
C PHE A 71 -18.77 -11.61 -9.71
N ARG A 72 -19.61 -12.33 -10.44
CA ARG A 72 -20.29 -11.85 -11.67
C ARG A 72 -21.75 -12.30 -11.63
N LYS A 73 -22.68 -11.36 -11.82
CA LYS A 73 -24.13 -11.61 -11.92
C LYS A 73 -24.59 -12.46 -10.73
N LYS A 74 -24.16 -12.06 -9.52
CA LYS A 74 -24.61 -12.61 -8.21
C LYS A 74 -24.02 -14.00 -7.97
N LYS A 75 -23.07 -14.47 -8.78
CA LYS A 75 -22.47 -15.82 -8.63
C LYS A 75 -20.95 -15.75 -8.67
N CYS A 76 -20.31 -16.81 -8.16
CA CYS A 76 -18.84 -17.04 -8.24
C CYS A 76 -18.57 -17.75 -9.56
N ASP A 77 -17.74 -17.12 -10.39
CA ASP A 77 -17.28 -17.64 -11.70
C ASP A 77 -15.84 -18.10 -11.54
N TYR A 78 -15.52 -19.31 -11.95
CA TYR A 78 -14.19 -19.94 -11.79
C TYR A 78 -13.57 -20.11 -13.18
N TRP A 79 -12.35 -19.60 -13.38
CA TRP A 79 -11.52 -19.86 -14.59
C TRP A 79 -10.27 -20.64 -14.16
N ILE A 80 -10.12 -21.86 -14.64
CA ILE A 80 -8.97 -22.75 -14.33
C ILE A 80 -8.12 -22.87 -15.59
N ARG A 81 -6.82 -22.66 -15.47
CA ARG A 81 -5.84 -22.90 -16.55
C ARG A 81 -4.51 -23.38 -15.94
N THR A 82 -3.58 -23.80 -16.80
CA THR A 82 -2.29 -24.42 -16.41
C THR A 82 -1.18 -23.50 -16.88
N PHE A 83 -0.26 -23.14 -15.98
CA PHE A 83 0.98 -22.41 -16.30
C PHE A 83 2.13 -23.42 -16.28
N VAL A 84 2.76 -23.61 -17.45
CA VAL A 84 3.84 -24.61 -17.67
C VAL A 84 5.17 -23.88 -17.54
N PRO A 85 6.12 -24.39 -16.71
CA PRO A 85 7.42 -23.74 -16.54
C PRO A 85 8.05 -23.44 -17.90
N GLY A 86 8.57 -22.22 -18.06
CA GLY A 86 9.28 -21.78 -19.27
C GLY A 86 10.77 -22.04 -19.16
N SER A 87 11.57 -21.23 -19.82
CA SER A 87 13.03 -21.40 -19.96
C SER A 87 13.74 -21.11 -18.63
N GLN A 88 13.21 -20.21 -17.80
CA GLN A 88 13.86 -19.73 -16.55
C GLN A 88 12.83 -19.73 -15.42
N PRO A 89 13.27 -19.99 -14.16
CA PRO A 89 12.35 -19.95 -13.01
C PRO A 89 11.63 -18.60 -12.91
N GLY A 90 10.30 -18.63 -12.79
CA GLY A 90 9.43 -17.44 -12.73
C GLY A 90 8.80 -17.13 -14.08
N GLU A 91 9.18 -17.85 -15.15
CA GLU A 91 8.55 -17.74 -16.49
C GLU A 91 7.67 -18.95 -16.76
N PHE A 92 6.55 -18.74 -17.45
CA PHE A 92 5.57 -19.80 -17.78
C PHE A 92 4.94 -19.52 -19.15
N THR A 93 4.37 -20.57 -19.75
CA THR A 93 3.46 -20.46 -20.92
C THR A 93 2.12 -21.11 -20.52
N LEU A 94 1.05 -20.76 -21.24
CA LEU A 94 -0.29 -21.35 -21.02
C LEU A 94 -0.28 -22.79 -21.54
N GLY A 95 -0.66 -23.76 -20.72
CA GLY A 95 -0.82 -25.16 -21.15
C GLY A 95 -1.99 -25.29 -22.11
N ASN A 96 -1.90 -26.22 -23.06
N ASN A 96 -1.90 -26.22 -23.06
CA ASN A 96 -3.01 -26.61 -23.98
CA ASN A 96 -3.02 -26.62 -23.97
C ASN A 96 -3.51 -25.37 -24.73
C ASN A 96 -3.51 -25.37 -24.73
N ILE A 97 -2.59 -24.64 -25.36
CA ILE A 97 -2.90 -23.38 -26.10
C ILE A 97 -3.91 -23.67 -27.22
N LYS A 98 -3.86 -24.86 -27.84
CA LYS A 98 -4.79 -25.32 -28.91
C LYS A 98 -6.26 -25.19 -28.48
N SER A 99 -6.56 -25.32 -27.18
CA SER A 99 -7.95 -25.37 -26.66
C SER A 99 -8.56 -23.97 -26.51
N TYR A 100 -7.80 -22.92 -26.78
CA TYR A 100 -8.30 -21.51 -26.69
C TYR A 100 -8.42 -20.95 -28.10
N PRO A 101 -9.64 -20.77 -28.65
CA PRO A 101 -9.80 -20.30 -30.02
C PRO A 101 -9.10 -18.95 -30.27
N GLY A 102 -8.28 -18.89 -31.33
CA GLY A 102 -7.61 -17.65 -31.78
C GLY A 102 -6.33 -17.35 -31.02
N LEU A 103 -5.99 -18.11 -29.99
CA LEU A 103 -4.78 -17.87 -29.17
C LEU A 103 -3.55 -18.50 -29.82
N THR A 104 -2.52 -17.73 -30.15
CA THR A 104 -1.28 -18.28 -30.76
C THR A 104 -0.11 -18.23 -29.77
N SER A 105 -0.11 -17.35 -28.77
CA SER A 105 0.95 -17.33 -27.73
C SER A 105 0.42 -16.69 -26.44
N TYR A 106 0.95 -17.15 -25.30
CA TYR A 106 0.56 -16.69 -23.95
C TYR A 106 1.76 -16.86 -23.01
N LEU A 107 2.35 -15.75 -22.58
CA LEU A 107 3.62 -15.74 -21.80
C LEU A 107 3.34 -15.13 -20.43
N VAL A 108 3.90 -15.73 -19.36
CA VAL A 108 3.81 -15.21 -17.98
C VAL A 108 5.24 -14.96 -17.48
N ARG A 109 5.48 -13.80 -16.86
CA ARG A 109 6.77 -13.52 -16.18
C ARG A 109 6.50 -12.90 -14.80
N VAL A 110 6.94 -13.57 -13.74
CA VAL A 110 6.93 -12.99 -12.37
C VAL A 110 8.04 -11.93 -12.32
N VAL A 111 7.65 -10.66 -12.27
CA VAL A 111 8.57 -9.49 -12.27
C VAL A 111 9.23 -9.35 -10.89
N SER A 112 8.44 -9.37 -9.82
CA SER A 112 8.94 -9.16 -8.44
C SER A 112 7.95 -9.80 -7.47
N THR A 113 8.44 -10.30 -6.33
CA THR A 113 7.55 -10.78 -5.24
C THR A 113 8.40 -10.92 -3.98
N ASN A 114 7.79 -10.76 -2.83
CA ASN A 114 8.37 -11.16 -1.51
C ASN A 114 7.60 -12.37 -0.97
N TYR A 115 6.73 -12.97 -1.80
CA TYR A 115 5.98 -14.23 -1.55
C TYR A 115 4.90 -14.09 -0.46
N ASN A 116 5.13 -13.34 0.61
CA ASN A 116 4.19 -13.33 1.77
C ASN A 116 3.36 -12.04 1.80
N GLN A 117 3.54 -11.10 0.88
CA GLN A 117 2.70 -9.87 0.84
C GLN A 117 2.31 -9.47 -0.57
N HIS A 118 3.26 -9.40 -1.49
CA HIS A 118 3.00 -8.77 -2.81
C HIS A 118 3.79 -9.44 -3.93
N ALA A 119 3.26 -9.29 -5.14
CA ALA A 119 3.88 -9.78 -6.38
C ALA A 119 3.44 -8.86 -7.52
N MET A 120 4.30 -8.73 -8.53
CA MET A 120 3.91 -8.14 -9.83
C MET A 120 4.19 -9.19 -10.90
N VAL A 121 3.22 -9.42 -11.77
CA VAL A 121 3.29 -10.47 -12.80
C VAL A 121 2.89 -9.83 -14.14
N PHE A 122 3.74 -10.06 -15.13
CA PHE A 122 3.55 -9.61 -16.52
C PHE A 122 2.97 -10.75 -17.35
N PHE A 123 1.99 -10.43 -18.19
CA PHE A 123 1.33 -11.38 -19.12
C PHE A 123 1.34 -10.76 -20.52
N LYS A 124 1.67 -11.58 -21.51
CA LYS A 124 1.58 -11.16 -22.93
C LYS A 124 0.91 -12.28 -23.71
N LYS A 125 -0.05 -11.93 -24.54
CA LYS A 125 -0.74 -12.94 -25.37
C LYS A 125 -0.99 -12.37 -26.77
N VAL A 126 -0.98 -13.25 -27.75
CA VAL A 126 -1.39 -12.92 -29.14
C VAL A 126 -2.68 -13.70 -29.42
N SER A 127 -3.76 -12.95 -29.60
CA SER A 127 -5.15 -13.44 -29.79
C SER A 127 -5.73 -12.73 -31.03
N GLN A 128 -6.16 -13.50 -32.03
CA GLN A 128 -6.62 -12.98 -33.35
C GLN A 128 -5.55 -12.06 -33.94
N ASN A 129 -4.28 -12.44 -33.80
CA ASN A 129 -3.09 -11.72 -34.34
C ASN A 129 -2.90 -10.36 -33.65
N ARG A 130 -3.63 -10.05 -32.57
CA ARG A 130 -3.48 -8.79 -31.79
C ARG A 130 -2.66 -9.08 -30.53
N GLU A 131 -1.71 -8.22 -30.19
CA GLU A 131 -0.78 -8.46 -29.08
C GLU A 131 -1.22 -7.67 -27.85
N TYR A 132 -1.66 -8.38 -26.81
CA TYR A 132 -2.14 -7.82 -25.52
C TYR A 132 -1.08 -8.06 -24.46
N PHE A 133 -0.93 -7.11 -23.55
CA PHE A 133 -0.10 -7.31 -22.35
C PHE A 133 -0.79 -6.64 -21.17
N LYS A 134 -0.50 -7.20 -20.01
CA LYS A 134 -0.99 -6.61 -18.75
C LYS A 134 0.02 -6.93 -17.65
N ILE A 135 -0.06 -6.12 -16.60
CA ILE A 135 0.71 -6.28 -15.34
C ILE A 135 -0.35 -6.41 -14.25
N THR A 136 -0.24 -7.47 -13.46
CA THR A 136 -1.12 -7.72 -12.32
C THR A 136 -0.32 -7.39 -11.06
N LEU A 137 -0.91 -6.59 -10.17
CA LEU A 137 -0.38 -6.38 -8.80
C LEU A 137 -1.17 -7.27 -7.87
N TYR A 138 -0.50 -8.28 -7.32
CA TYR A 138 -1.09 -9.26 -6.39
C TYR A 138 -0.75 -8.86 -4.96
N GLY A 139 -1.72 -9.05 -4.06
CA GLY A 139 -1.53 -8.91 -2.60
C GLY A 139 -1.98 -10.16 -1.88
N ARG A 140 -1.32 -10.55 -0.81
CA ARG A 140 -1.83 -11.63 0.07
C ARG A 140 -3.06 -11.12 0.82
N THR A 141 -3.20 -9.79 0.97
CA THR A 141 -4.40 -9.13 1.55
C THR A 141 -5.03 -8.24 0.48
N LYS A 142 -6.23 -7.76 0.73
CA LYS A 142 -7.00 -6.93 -0.25
C LYS A 142 -6.49 -5.50 -0.26
N GLU A 143 -5.66 -5.11 0.72
CA GLU A 143 -5.04 -3.76 0.73
C GLU A 143 -3.53 -3.87 0.55
N LEU A 144 -2.93 -2.90 -0.14
CA LEU A 144 -1.44 -2.75 -0.09
C LEU A 144 -1.09 -1.29 0.16
N THR A 145 0.16 -1.07 0.57
CA THR A 145 0.71 0.24 0.94
C THR A 145 0.70 1.15 -0.29
N SER A 146 0.68 2.45 -0.04
CA SER A 146 0.89 3.49 -1.07
C SER A 146 2.20 3.20 -1.80
N GLU A 147 3.26 2.79 -1.09
CA GLU A 147 4.58 2.60 -1.73
C GLU A 147 4.47 1.48 -2.80
N LEU A 148 3.82 0.37 -2.48
CA LEU A 148 3.73 -0.77 -3.46
C LEU A 148 2.84 -0.36 -4.64
N LYS A 149 1.75 0.35 -4.40
CA LYS A 149 0.86 0.85 -5.47
C LYS A 149 1.62 1.85 -6.37
N GLU A 150 2.39 2.76 -5.78
CA GLU A 150 3.22 3.75 -6.54
C GLU A 150 4.27 3.00 -7.39
N ASN A 151 4.90 1.97 -6.84
CA ASN A 151 5.90 1.15 -7.57
C ASN A 151 5.22 0.49 -8.79
N PHE A 152 4.00 0.00 -8.60
CA PHE A 152 3.20 -0.65 -9.69
C PHE A 152 2.86 0.38 -10.78
N ILE A 153 2.44 1.58 -10.38
CA ILE A 153 2.13 2.68 -11.34
C ILE A 153 3.39 3.01 -12.14
N ARG A 154 4.52 3.19 -11.45
CA ARG A 154 5.81 3.59 -12.08
C ARG A 154 6.20 2.50 -13.08
N PHE A 155 6.16 1.23 -12.69
CA PHE A 155 6.51 0.12 -13.62
C PHE A 155 5.56 0.10 -14.83
N SER A 156 4.24 0.21 -14.61
CA SER A 156 3.24 0.19 -15.68
C SER A 156 3.52 1.34 -16.67
N LYS A 157 3.81 2.54 -16.16
CA LYS A 157 4.06 3.72 -17.04
C LYS A 157 5.38 3.50 -17.78
N SER A 158 6.37 2.81 -17.20
CA SER A 158 7.65 2.49 -17.88
C SER A 158 7.40 1.59 -19.11
N LEU A 159 6.28 0.86 -19.15
CA LEU A 159 5.96 -0.04 -20.29
C LEU A 159 5.04 0.69 -21.29
N GLY A 160 4.82 2.00 -21.10
CA GLY A 160 4.13 2.88 -22.06
C GLY A 160 2.63 3.03 -21.81
N LEU A 161 2.16 2.68 -20.61
CA LEU A 161 0.72 2.75 -20.28
C LEU A 161 0.38 4.10 -19.64
N PRO A 162 -0.66 4.79 -20.12
CA PRO A 162 -1.13 5.99 -19.46
C PRO A 162 -1.95 5.65 -18.20
N GLU A 163 -2.23 6.69 -17.40
CA GLU A 163 -3.00 6.64 -16.14
C GLU A 163 -4.32 5.88 -16.37
N ASN A 164 -5.00 6.09 -17.50
CA ASN A 164 -6.36 5.52 -17.69
C ASN A 164 -6.29 4.05 -18.10
N HIS A 165 -5.10 3.46 -18.21
CA HIS A 165 -4.94 1.99 -18.43
C HIS A 165 -4.46 1.30 -17.15
N ILE A 166 -4.55 1.99 -16.00
CA ILE A 166 -4.14 1.46 -14.67
C ILE A 166 -5.37 1.53 -13.75
N VAL A 167 -5.82 0.39 -13.23
CA VAL A 167 -7.00 0.35 -12.33
C VAL A 167 -6.64 -0.39 -11.03
N PHE A 168 -7.31 -0.02 -9.96
CA PHE A 168 -7.18 -0.65 -8.63
C PHE A 168 -8.54 -1.22 -8.30
N PRO A 169 -8.81 -2.50 -8.61
CA PRO A 169 -10.11 -3.10 -8.34
C PRO A 169 -10.55 -2.87 -6.88
N VAL A 170 -11.85 -2.65 -6.68
CA VAL A 170 -12.45 -2.35 -5.35
C VAL A 170 -12.57 -3.66 -4.59
N PRO A 171 -12.06 -3.75 -3.33
CA PRO A 171 -12.24 -4.94 -2.51
C PRO A 171 -13.72 -5.32 -2.39
N ILE A 172 -14.00 -6.62 -2.47
CA ILE A 172 -15.34 -7.21 -2.16
C ILE A 172 -15.13 -8.38 -1.21
N ASP A 173 -16.22 -8.90 -0.64
CA ASP A 173 -16.19 -10.08 0.26
C ASP A 173 -16.71 -11.33 -0.44
N GLN A 174 -17.60 -11.17 -1.43
CA GLN A 174 -18.24 -12.33 -2.12
C GLN A 174 -17.16 -13.11 -2.87
N CYS A 175 -17.16 -14.44 -2.72
CA CYS A 175 -16.43 -15.42 -3.55
C CYS A 175 -14.95 -15.48 -3.16
N ILE A 176 -14.31 -14.33 -2.91
CA ILE A 176 -12.82 -14.26 -2.83
C ILE A 176 -12.36 -14.43 -1.37
N ASP A 177 -13.26 -14.46 -0.39
CA ASP A 177 -12.87 -14.85 1.01
C ASP A 177 -12.91 -16.37 1.20
N ASP B 6 -17.60 25.23 -21.59
CA ASP B 6 -17.92 24.34 -20.44
C ASP B 6 -16.62 24.04 -19.69
N LEU B 7 -16.66 24.03 -18.36
CA LEU B 7 -15.44 23.87 -17.53
C LEU B 7 -15.62 22.69 -16.59
N ILE B 8 -14.53 21.96 -16.35
CA ILE B 8 -14.49 20.98 -15.24
C ILE B 8 -14.77 21.77 -13.96
N PRO B 9 -15.73 21.34 -13.11
CA PRO B 9 -16.08 22.13 -11.93
C PRO B 9 -14.90 22.20 -10.96
N ALA B 10 -14.76 23.33 -10.29
CA ALA B 10 -13.78 23.49 -9.19
C ALA B 10 -14.14 22.46 -8.12
N PRO B 11 -13.15 21.81 -7.47
CA PRO B 11 -13.49 20.83 -6.44
C PRO B 11 -13.91 21.60 -5.19
N PRO B 12 -14.64 20.98 -4.24
CA PRO B 12 -14.85 21.59 -2.94
C PRO B 12 -13.50 21.67 -2.22
N LEU B 13 -13.30 22.71 -1.42
CA LEU B 13 -12.01 23.01 -0.73
C LEU B 13 -11.67 21.90 0.27
N SER B 14 -12.66 21.10 0.68
CA SER B 14 -12.48 19.88 1.52
C SER B 14 -11.56 18.87 0.83
N LYS B 15 -11.47 18.85 -0.51
CA LYS B 15 -10.56 17.92 -1.22
C LYS B 15 -9.17 18.55 -1.42
N VAL B 16 -8.93 19.78 -0.96
CA VAL B 16 -7.64 20.48 -1.20
C VAL B 16 -6.93 20.63 0.14
N PRO B 17 -5.98 19.73 0.46
CA PRO B 17 -5.27 19.80 1.74
C PRO B 17 -4.52 21.13 1.86
N LEU B 18 -4.25 21.50 3.11
CA LEU B 18 -3.42 22.66 3.47
C LEU B 18 -2.13 22.12 4.10
N GLN B 19 -0.98 22.62 3.65
CA GLN B 19 0.33 22.25 4.24
C GLN B 19 0.26 22.51 5.75
N GLN B 20 0.53 21.48 6.56
CA GLN B 20 0.55 21.58 8.04
C GLN B 20 1.68 22.55 8.44
N ASN B 21 1.38 23.48 9.35
CA ASN B 21 2.38 24.35 10.00
C ASN B 21 3.21 25.07 8.92
N PHE B 22 2.52 25.72 7.99
CA PHE B 22 3.15 26.45 6.87
C PHE B 22 4.13 27.50 7.42
N GLN B 23 5.35 27.50 6.90
CA GLN B 23 6.45 28.42 7.30
C GLN B 23 6.66 29.48 6.21
N ASP B 24 6.07 30.65 6.37
CA ASP B 24 6.03 31.70 5.31
C ASP B 24 7.46 32.12 4.93
N ASN B 25 8.39 32.19 5.89
CA ASN B 25 9.77 32.68 5.63
C ASN B 25 10.52 31.66 4.78
N GLN B 26 10.29 30.36 5.00
CA GLN B 26 10.98 29.25 4.27
C GLN B 26 10.42 29.11 2.86
N PHE B 27 9.19 29.56 2.60
CA PHE B 27 8.56 29.42 1.26
C PHE B 27 9.08 30.51 0.30
N GLN B 28 9.70 31.57 0.81
CA GLN B 28 10.17 32.73 0.00
C GLN B 28 11.19 32.31 -1.05
N GLY B 29 11.40 33.21 -2.03
CA GLY B 29 12.45 33.11 -3.05
C GLY B 29 11.88 32.55 -4.34
N LYS B 30 12.74 31.98 -5.17
CA LYS B 30 12.39 31.65 -6.57
C LYS B 30 11.89 30.21 -6.64
N TRP B 31 10.76 30.04 -7.32
CA TRP B 31 10.20 28.73 -7.67
C TRP B 31 10.05 28.69 -9.19
N TYR B 32 10.45 27.59 -9.79
CA TYR B 32 10.20 27.29 -11.22
C TYR B 32 8.90 26.53 -11.33
N VAL B 33 8.10 26.85 -12.35
CA VAL B 33 6.85 26.09 -12.63
C VAL B 33 7.20 24.88 -13.48
N VAL B 34 7.35 23.73 -12.82
CA VAL B 34 7.77 22.46 -13.49
C VAL B 34 6.53 21.68 -13.94
N GLY B 35 5.36 21.97 -13.35
CA GLY B 35 4.09 21.34 -13.73
C GLY B 35 2.92 22.27 -13.54
N LEU B 36 1.91 22.15 -14.40
CA LEU B 36 0.67 22.96 -14.37
C LEU B 36 -0.49 22.06 -14.73
N ALA B 37 -1.56 22.09 -13.95
CA ALA B 37 -2.81 21.35 -14.24
C ALA B 37 -3.96 22.32 -13.95
N GLY B 38 -4.96 22.39 -14.80
CA GLY B 38 -6.12 23.25 -14.51
C GLY B 38 -7.25 23.04 -15.47
N ASN B 39 -8.41 23.61 -15.16
CA ASN B 39 -9.62 23.39 -15.98
C ASN B 39 -9.56 24.29 -17.22
N ALA B 40 -8.58 25.20 -17.33
CA ALA B 40 -8.30 25.93 -18.59
C ALA B 40 -6.91 25.57 -19.16
N ILE B 41 -6.27 24.47 -18.71
CA ILE B 41 -4.96 23.96 -19.23
C ILE B 41 -5.24 22.76 -20.15
N LEU B 42 -4.62 22.70 -21.34
CA LEU B 42 -4.64 21.51 -22.25
C LEU B 42 -3.20 21.15 -22.68
N ARG B 43 -2.80 19.88 -22.54
CA ARG B 43 -1.45 19.38 -22.91
C ARG B 43 -1.22 19.61 -24.42
N PRO B 48 4.52 24.42 -27.56
CA PRO B 48 4.73 23.73 -26.28
C PRO B 48 5.12 24.75 -25.20
N GLN B 49 4.53 24.62 -24.02
CA GLN B 49 4.57 25.66 -22.95
C GLN B 49 6.02 25.78 -22.45
N LYS B 50 6.58 27.00 -22.45
CA LYS B 50 7.93 27.27 -21.87
C LYS B 50 7.79 27.48 -20.37
N MET B 51 8.76 26.97 -19.61
CA MET B 51 8.88 27.19 -18.16
C MET B 51 8.92 28.69 -17.86
N TYR B 52 8.27 29.07 -16.76
CA TYR B 52 8.40 30.42 -16.17
C TYR B 52 8.72 30.24 -14.69
N ALA B 53 9.06 31.33 -14.03
CA ALA B 53 9.47 31.36 -12.62
C ALA B 53 8.59 32.35 -11.87
N THR B 54 8.37 32.06 -10.60
CA THR B 54 7.60 32.91 -9.68
C THR B 54 8.44 33.13 -8.43
N ILE B 55 8.64 34.39 -8.07
CA ILE B 55 9.44 34.79 -6.88
C ILE B 55 8.48 35.33 -5.82
N TYR B 56 8.56 34.74 -4.63
CA TYR B 56 7.77 35.10 -3.43
C TYR B 56 8.68 35.89 -2.50
N GLU B 57 8.32 37.14 -2.21
CA GLU B 57 9.05 38.00 -1.25
C GLU B 57 8.12 38.34 -0.10
N LEU B 58 8.49 37.91 1.11
CA LEU B 58 7.70 38.15 2.34
C LEU B 58 7.88 39.61 2.73
N LYS B 59 6.79 40.37 2.79
CA LYS B 59 6.80 41.80 3.19
C LYS B 59 6.70 41.88 4.71
N GLU B 60 6.95 43.08 5.26
CA GLU B 60 6.88 43.40 6.70
C GLU B 60 5.50 43.00 7.24
N ASP B 61 4.45 43.28 6.48
CA ASP B 61 3.03 43.04 6.87
C ASP B 61 2.64 41.57 6.66
N LYS B 62 3.59 40.70 6.26
CA LYS B 62 3.43 39.22 6.18
C LYS B 62 2.67 38.82 4.89
N SER B 63 2.32 39.77 4.03
CA SER B 63 1.85 39.47 2.66
C SER B 63 3.07 39.09 1.82
N TYR B 64 2.87 38.43 0.69
CA TYR B 64 3.93 38.18 -0.33
C TYR B 64 3.76 39.16 -1.48
N ASN B 65 4.88 39.77 -1.88
CA ASN B 65 5.05 40.31 -3.25
C ASN B 65 5.40 39.14 -4.16
N VAL B 66 4.59 38.89 -5.18
CA VAL B 66 4.75 37.71 -6.08
C VAL B 66 5.00 38.22 -7.50
N THR B 67 6.15 37.88 -8.06
CA THR B 67 6.57 38.29 -9.43
C THR B 67 6.76 37.03 -10.26
N SER B 68 6.01 36.92 -11.34
CA SER B 68 6.22 35.86 -12.36
C SER B 68 6.98 36.48 -13.52
N VAL B 69 7.96 35.75 -14.02
CA VAL B 69 8.82 36.12 -15.16
C VAL B 69 8.61 35.09 -16.26
N LEU B 70 8.14 35.53 -17.43
CA LEU B 70 7.88 34.67 -18.61
C LEU B 70 8.68 35.21 -19.79
N PHE B 71 9.15 34.32 -20.65
CA PHE B 71 9.78 34.67 -21.94
C PHE B 71 8.70 34.58 -23.02
N ARG B 72 8.28 35.73 -23.55
CA ARG B 72 7.16 35.85 -24.53
C ARG B 72 7.53 36.87 -25.59
N LYS B 73 7.42 36.48 -26.87
CA LYS B 73 7.66 37.36 -28.04
C LYS B 73 9.05 37.98 -27.91
N LYS B 74 10.07 37.18 -27.55
CA LYS B 74 11.51 37.55 -27.49
C LYS B 74 11.79 38.52 -26.33
N LYS B 75 10.86 38.72 -25.40
CA LYS B 75 11.05 39.65 -24.24
C LYS B 75 10.71 38.95 -22.93
N CYS B 76 11.20 39.52 -21.82
CA CYS B 76 10.84 39.13 -20.44
C CYS B 76 9.58 39.89 -20.06
N ASP B 77 8.52 39.15 -19.74
N ASP B 77 8.52 39.15 -19.74
CA ASP B 77 7.21 39.69 -19.32
CA ASP B 77 7.21 39.68 -19.32
C ASP B 77 7.08 39.46 -17.80
C ASP B 77 7.08 39.46 -17.80
N TYR B 78 6.73 40.51 -17.06
CA TYR B 78 6.64 40.47 -15.59
C TYR B 78 5.18 40.65 -15.18
N TRP B 79 4.68 39.76 -14.34
CA TRP B 79 3.38 39.97 -13.63
C TRP B 79 3.66 40.04 -12.14
N ILE B 80 3.39 41.18 -11.52
CA ILE B 80 3.61 41.43 -10.06
C ILE B 80 2.23 41.56 -9.42
N ARG B 81 1.98 40.78 -8.36
CA ARG B 81 0.73 40.87 -7.57
C ARG B 81 1.04 40.56 -6.10
N THR B 82 0.05 40.77 -5.23
CA THR B 82 0.19 40.62 -3.76
C THR B 82 -0.71 39.47 -3.32
N PHE B 83 -0.17 38.53 -2.55
CA PHE B 83 -0.93 37.46 -1.85
C PHE B 83 -1.04 37.86 -0.38
N VAL B 84 -2.27 38.07 0.08
CA VAL B 84 -2.61 38.53 1.45
C VAL B 84 -2.96 37.29 2.27
N PRO B 85 -2.34 37.11 3.46
CA PRO B 85 -2.64 35.95 4.30
C PRO B 85 -4.16 35.80 4.49
N GLY B 86 -4.64 34.55 4.34
CA GLY B 86 -6.05 34.16 4.61
C GLY B 86 -6.24 33.76 6.06
N SER B 87 -7.24 32.93 6.32
CA SER B 87 -7.68 32.55 7.69
C SER B 87 -6.64 31.64 8.37
N GLN B 88 -5.94 30.82 7.60
CA GLN B 88 -4.95 29.83 8.11
C GLN B 88 -3.62 29.99 7.38
N PRO B 89 -2.48 29.72 8.07
CA PRO B 89 -1.16 29.73 7.43
C PRO B 89 -1.15 28.85 6.18
N GLY B 90 -0.69 29.40 5.06
CA GLY B 90 -0.60 28.70 3.76
C GLY B 90 -1.79 29.01 2.85
N GLU B 91 -2.78 29.77 3.34
CA GLU B 91 -3.91 30.29 2.52
C GLU B 91 -3.70 31.78 2.25
N PHE B 92 -4.07 32.25 1.06
CA PHE B 92 -3.95 33.68 0.66
C PHE B 92 -5.12 34.06 -0.24
N THR B 93 -5.39 35.36 -0.33
CA THR B 93 -6.27 35.96 -1.35
C THR B 93 -5.45 36.99 -2.13
N LEU B 94 -5.90 37.36 -3.32
CA LEU B 94 -5.24 38.37 -4.19
C LEU B 94 -5.49 39.75 -3.57
N GLY B 95 -4.44 40.51 -3.31
CA GLY B 95 -4.56 41.92 -2.89
C GLY B 95 -5.11 42.78 -4.02
N ASN B 96 -5.88 43.82 -3.66
CA ASN B 96 -6.39 44.86 -4.61
C ASN B 96 -7.17 44.18 -5.73
N ILE B 97 -8.13 43.31 -5.38
CA ILE B 97 -8.94 42.54 -6.36
C ILE B 97 -9.71 43.49 -7.27
N LYS B 98 -10.13 44.66 -6.76
CA LYS B 98 -10.87 45.72 -7.50
C LYS B 98 -10.09 46.15 -8.76
N SER B 99 -8.76 46.10 -8.75
CA SER B 99 -7.90 46.60 -9.85
C SER B 99 -7.85 45.63 -11.04
N TYR B 100 -8.44 44.44 -10.93
CA TYR B 100 -8.45 43.44 -12.04
C TYR B 100 -9.87 43.35 -12.60
N PRO B 101 -10.12 43.89 -13.83
CA PRO B 101 -11.48 43.89 -14.37
C PRO B 101 -12.07 42.48 -14.50
N GLY B 102 -13.28 42.30 -13.98
CA GLY B 102 -14.06 41.05 -14.13
C GLY B 102 -13.72 40.03 -13.06
N LEU B 103 -12.69 40.28 -12.24
CA LEU B 103 -12.24 39.34 -11.21
C LEU B 103 -13.05 39.57 -9.93
N THR B 104 -13.77 38.55 -9.44
CA THR B 104 -14.57 38.71 -8.20
C THR B 104 -13.96 37.91 -7.05
N SER B 105 -13.13 36.90 -7.31
CA SER B 105 -12.54 36.03 -6.27
C SER B 105 -11.22 35.43 -6.76
N TYR B 106 -10.26 35.28 -5.86
CA TYR B 106 -8.91 34.71 -6.18
C TYR B 106 -8.31 34.13 -4.90
N LEU B 107 -8.22 32.79 -4.84
CA LEU B 107 -7.84 32.05 -3.62
C LEU B 107 -6.57 31.25 -3.92
N VAL B 108 -5.65 31.23 -2.96
CA VAL B 108 -4.38 30.45 -3.05
C VAL B 108 -4.34 29.52 -1.84
N ARG B 109 -4.03 28.25 -2.04
CA ARG B 109 -3.79 27.29 -0.93
C ARG B 109 -2.51 26.50 -1.22
N VAL B 110 -1.51 26.61 -0.35
CA VAL B 110 -0.31 25.75 -0.40
C VAL B 110 -0.74 24.37 0.11
N VAL B 111 -0.78 23.39 -0.80
CA VAL B 111 -1.21 22.01 -0.51
C VAL B 111 -0.08 21.26 0.21
N SER B 112 1.13 21.31 -0.32
CA SER B 112 2.29 20.59 0.26
C SER B 112 3.57 21.29 -0.18
N THR B 113 4.59 21.27 0.67
CA THR B 113 5.94 21.75 0.30
C THR B 113 6.94 21.19 1.32
N ASN B 114 8.17 20.98 0.88
CA ASN B 114 9.30 20.71 1.80
C ASN B 114 10.25 21.91 1.77
N TYR B 115 9.81 23.04 1.17
CA TYR B 115 10.47 24.39 1.20
C TYR B 115 11.75 24.44 0.37
N ASN B 116 12.58 23.39 0.36
CA ASN B 116 13.92 23.48 -0.27
C ASN B 116 13.96 22.70 -1.59
N GLN B 117 12.88 22.04 -2.03
CA GLN B 117 12.90 21.34 -3.34
C GLN B 117 11.60 21.54 -4.10
N HIS B 118 10.44 21.33 -3.47
CA HIS B 118 9.16 21.25 -4.21
C HIS B 118 7.99 21.81 -3.41
N ALA B 119 6.97 22.24 -4.14
CA ALA B 119 5.69 22.69 -3.58
C ALA B 119 4.58 22.35 -4.56
N MET B 120 3.38 22.11 -4.04
CA MET B 120 2.15 22.07 -4.85
C MET B 120 1.23 23.13 -4.30
N VAL B 121 0.74 24.00 -5.18
CA VAL B 121 -0.11 25.15 -4.79
C VAL B 121 -1.37 25.15 -5.66
N PHE B 122 -2.51 25.24 -4.98
CA PHE B 122 -3.86 25.30 -5.59
C PHE B 122 -4.27 26.77 -5.72
N PHE B 123 -4.86 27.11 -6.86
CA PHE B 123 -5.39 28.45 -7.17
C PHE B 123 -6.81 28.30 -7.69
N LYS B 124 -7.70 29.17 -7.23
CA LYS B 124 -9.11 29.19 -7.71
C LYS B 124 -9.49 30.65 -7.91
N LYS B 125 -10.09 30.96 -9.05
CA LYS B 125 -10.50 32.34 -9.32
C LYS B 125 -11.84 32.34 -10.03
N VAL B 126 -12.61 33.38 -9.78
CA VAL B 126 -13.89 33.63 -10.51
C VAL B 126 -13.67 34.91 -11.31
N SER B 127 -13.68 34.75 -12.63
CA SER B 127 -13.45 35.82 -13.63
C SER B 127 -14.58 35.75 -14.67
N GLN B 128 -15.32 36.85 -14.84
CA GLN B 128 -16.56 36.91 -15.66
C GLN B 128 -17.54 35.85 -15.17
N ASN B 129 -17.58 35.58 -13.86
CA ASN B 129 -18.50 34.62 -13.20
C ASN B 129 -18.21 33.18 -13.64
N ARG B 130 -17.05 32.94 -14.28
CA ARG B 130 -16.57 31.58 -14.63
C ARG B 130 -15.53 31.18 -13.58
N GLU B 131 -15.60 29.93 -13.11
CA GLU B 131 -14.75 29.46 -12.00
C GLU B 131 -13.61 28.62 -12.55
N TYR B 132 -12.40 29.13 -12.45
CA TYR B 132 -11.15 28.49 -12.94
C TYR B 132 -10.37 27.99 -11.73
N PHE B 133 -9.69 26.85 -11.89
CA PHE B 133 -8.77 26.37 -10.85
C PHE B 133 -7.58 25.72 -11.53
N LYS B 134 -6.46 25.78 -10.82
CA LYS B 134 -5.23 25.13 -11.30
C LYS B 134 -4.41 24.69 -10.09
N ILE B 135 -3.54 23.72 -10.35
CA ILE B 135 -2.50 23.24 -9.39
C ILE B 135 -1.17 23.49 -10.07
N THR B 136 -0.29 24.20 -9.37
CA THR B 136 1.07 24.48 -9.85
C THR B 136 2.02 23.57 -9.10
N LEU B 137 2.89 22.87 -9.84
CA LEU B 137 4.02 22.09 -9.26
C LEU B 137 5.27 22.97 -9.37
N TYR B 138 5.74 23.45 -8.23
CA TYR B 138 6.93 24.32 -8.13
C TYR B 138 8.16 23.49 -7.78
N GLY B 139 9.30 23.82 -8.38
CA GLY B 139 10.62 23.29 -8.01
C GLY B 139 11.60 24.41 -7.69
N ARG B 140 12.53 24.17 -6.76
CA ARG B 140 13.65 25.10 -6.53
C ARG B 140 14.60 25.05 -7.73
N THR B 141 14.60 23.93 -8.47
CA THR B 141 15.36 23.78 -9.73
C THR B 141 14.36 23.54 -10.87
N LYS B 142 14.84 23.56 -12.10
CA LYS B 142 14.01 23.38 -13.32
C LYS B 142 13.64 21.90 -13.52
N GLU B 143 14.21 20.98 -12.75
CA GLU B 143 13.89 19.53 -12.79
C GLU B 143 13.24 19.05 -11.49
N LEU B 144 12.35 18.07 -11.56
CA LEU B 144 11.96 17.28 -10.35
C LEU B 144 11.87 15.80 -10.72
N THR B 145 11.85 14.94 -9.70
CA THR B 145 11.88 13.48 -9.86
C THR B 145 10.59 13.03 -10.55
N SER B 146 10.65 11.87 -11.20
CA SER B 146 9.48 11.12 -11.73
C SER B 146 8.47 10.96 -10.58
N GLU B 147 8.93 10.62 -9.38
CA GLU B 147 8.00 10.34 -8.26
C GLU B 147 7.18 11.60 -7.94
N LEU B 148 7.81 12.78 -7.85
CA LEU B 148 7.08 14.03 -7.50
C LEU B 148 6.10 14.38 -8.64
N LYS B 149 6.51 14.22 -9.90
CA LYS B 149 5.62 14.48 -11.06
C LYS B 149 4.43 13.51 -11.03
N GLU B 150 4.64 12.22 -10.76
CA GLU B 150 3.55 11.21 -10.69
C GLU B 150 2.58 11.57 -9.55
N ASN B 151 3.11 11.99 -8.39
CA ASN B 151 2.28 12.44 -7.24
CA ASN B 151 2.28 12.44 -7.24
C ASN B 151 1.42 13.64 -7.69
N PHE B 152 2.00 14.55 -8.46
CA PHE B 152 1.29 15.75 -8.97
C PHE B 152 0.16 15.33 -9.93
N ILE B 153 0.43 14.39 -10.83
CA ILE B 153 -0.60 13.86 -11.78
C ILE B 153 -1.76 13.25 -10.96
N ARG B 154 -1.45 12.42 -9.99
CA ARG B 154 -2.50 11.70 -9.22
C ARG B 154 -3.29 12.69 -8.34
N PHE B 155 -2.64 13.68 -7.73
CA PHE B 155 -3.35 14.72 -6.93
C PHE B 155 -4.28 15.51 -7.86
N SER B 156 -3.78 15.91 -9.04
CA SER B 156 -4.58 16.64 -10.05
C SER B 156 -5.81 15.80 -10.42
N LYS B 157 -5.64 14.48 -10.62
CA LYS B 157 -6.76 13.58 -10.97
C LYS B 157 -7.78 13.55 -9.83
N SER B 158 -7.34 13.58 -8.57
CA SER B 158 -8.23 13.58 -7.39
C SER B 158 -9.12 14.84 -7.38
N LEU B 159 -8.70 15.92 -8.03
CA LEU B 159 -9.50 17.19 -8.09
C LEU B 159 -10.33 17.24 -9.38
N GLY B 160 -10.33 16.16 -10.16
CA GLY B 160 -11.14 16.01 -11.39
C GLY B 160 -10.38 16.39 -12.65
N LEU B 161 -9.05 16.56 -12.62
CA LEU B 161 -8.29 16.91 -13.86
C LEU B 161 -7.66 15.66 -14.43
N PRO B 162 -7.98 15.27 -15.68
CA PRO B 162 -7.36 14.10 -16.29
C PRO B 162 -5.95 14.48 -16.80
N GLU B 163 -5.20 13.46 -17.18
CA GLU B 163 -3.79 13.55 -17.64
C GLU B 163 -3.66 14.61 -18.75
N ASN B 164 -4.64 14.74 -19.64
CA ASN B 164 -4.54 15.68 -20.79
C ASN B 164 -4.80 17.14 -20.35
N HIS B 165 -5.05 17.42 -19.07
CA HIS B 165 -5.13 18.82 -18.54
C HIS B 165 -3.89 19.13 -17.72
N ILE B 166 -2.82 18.36 -17.92
CA ILE B 166 -1.53 18.52 -17.19
C ILE B 166 -0.44 18.79 -18.22
N VAL B 167 0.33 19.84 -17.97
CA VAL B 167 1.49 20.27 -18.80
C VAL B 167 2.74 20.28 -17.93
N PHE B 168 3.89 19.87 -18.50
CA PHE B 168 5.21 20.00 -17.85
C PHE B 168 6.03 20.99 -18.68
N PRO B 169 6.03 22.29 -18.35
CA PRO B 169 6.71 23.28 -19.19
C PRO B 169 8.19 22.92 -19.43
N VAL B 170 8.69 23.20 -20.62
CA VAL B 170 10.09 22.90 -21.04
C VAL B 170 11.04 23.91 -20.40
N PRO B 171 12.10 23.47 -19.69
CA PRO B 171 13.09 24.40 -19.13
C PRO B 171 13.70 25.30 -20.21
N ILE B 172 13.90 26.59 -19.91
CA ILE B 172 14.61 27.58 -20.77
C ILE B 172 15.60 28.33 -19.88
N ASP B 173 16.47 29.14 -20.48
CA ASP B 173 17.46 29.97 -19.76
C ASP B 173 17.07 31.45 -19.81
N GLN B 174 16.37 31.90 -20.87
CA GLN B 174 15.99 33.33 -21.04
C GLN B 174 15.08 33.76 -19.87
N CYS B 175 15.39 34.90 -19.26
CA CYS B 175 14.52 35.64 -18.30
C CYS B 175 14.49 34.98 -16.93
N ILE B 176 14.38 33.66 -16.85
CA ILE B 176 14.02 32.97 -15.57
C ILE B 176 15.29 32.59 -14.78
N ASP B 177 16.48 32.75 -15.34
CA ASP B 177 17.75 32.66 -14.57
C ASP B 177 18.04 34.04 -13.95
N THR C 4 -7.46 -18.11 42.48
CA THR C 4 -8.64 -17.84 43.35
C THR C 4 -9.21 -16.44 43.07
N SER C 5 -8.36 -15.47 42.72
CA SER C 5 -8.68 -14.02 42.66
C SER C 5 -9.36 -13.63 41.35
N ASP C 6 -9.90 -12.40 41.32
CA ASP C 6 -10.80 -11.85 40.28
C ASP C 6 -10.00 -11.55 39.00
N LEU C 7 -10.62 -11.70 37.83
CA LEU C 7 -9.91 -11.54 36.53
C LEU C 7 -10.58 -10.47 35.67
N ILE C 8 -9.77 -9.73 34.93
CA ILE C 8 -10.28 -8.88 33.83
C ILE C 8 -10.98 -9.82 32.84
N PRO C 9 -12.22 -9.54 32.41
CA PRO C 9 -12.95 -10.47 31.55
C PRO C 9 -12.25 -10.61 30.19
N ALA C 10 -12.29 -11.81 29.61
CA ALA C 10 -11.86 -12.02 28.21
C ALA C 10 -12.74 -11.13 27.31
N PRO C 11 -12.17 -10.51 26.26
CA PRO C 11 -12.97 -9.64 25.39
C PRO C 11 -13.85 -10.53 24.52
N PRO C 12 -14.92 -10.01 23.91
CA PRO C 12 -15.66 -10.78 22.91
C PRO C 12 -14.72 -10.95 21.69
N LEU C 13 -14.82 -12.09 21.01
CA LEU C 13 -13.92 -12.45 19.88
C LEU C 13 -14.12 -11.48 18.72
N SER C 14 -15.24 -10.77 18.68
CA SER C 14 -15.55 -9.68 17.73
C SER C 14 -14.51 -8.54 17.86
N LYS C 15 -13.86 -8.35 19.02
CA LYS C 15 -12.81 -7.30 19.16
C LYS C 15 -11.43 -7.86 18.76
N VAL C 16 -11.31 -9.13 18.38
CA VAL C 16 -9.98 -9.76 18.13
C VAL C 16 -9.91 -10.11 16.65
N PRO C 17 -9.26 -9.27 15.83
CA PRO C 17 -9.13 -9.55 14.39
C PRO C 17 -8.41 -10.88 14.14
N LEU C 18 -8.68 -11.45 12.97
CA LEU C 18 -7.94 -12.59 12.41
C LEU C 18 -7.13 -12.09 11.21
N GLN C 19 -5.85 -12.45 11.15
CA GLN C 19 -4.99 -12.11 9.98
C GLN C 19 -5.66 -12.63 8.71
N GLN C 20 -5.88 -11.75 7.75
CA GLN C 20 -6.51 -12.08 6.44
C GLN C 20 -5.55 -13.01 5.68
N ASN C 21 -6.10 -14.07 5.07
CA ASN C 21 -5.35 -15.01 4.19
C ASN C 21 -4.04 -15.45 4.90
N PHE C 22 -4.19 -15.97 6.11
CA PHE C 22 -3.05 -16.44 6.92
C PHE C 22 -2.25 -17.47 6.12
N GLN C 23 -0.92 -17.30 6.06
CA GLN C 23 0.02 -18.20 5.33
C GLN C 23 0.79 -19.05 6.33
N ASP C 24 0.32 -20.27 6.58
CA ASP C 24 0.88 -21.14 7.64
C ASP C 24 2.38 -21.42 7.37
N ASN C 25 2.77 -21.56 6.11
CA ASN C 25 4.18 -21.88 5.73
C ASN C 25 5.11 -20.70 6.08
N GLN C 26 4.65 -19.46 5.88
CA GLN C 26 5.45 -18.22 6.10
C GLN C 26 5.56 -17.90 7.60
N PHE C 27 4.63 -18.40 8.41
CA PHE C 27 4.60 -18.11 9.87
C PHE C 27 5.60 -18.99 10.62
N GLN C 28 6.10 -20.06 9.98
CA GLN C 28 7.01 -21.05 10.61
C GLN C 28 8.32 -20.40 11.08
N GLY C 29 9.03 -21.09 11.95
CA GLY C 29 10.38 -20.72 12.41
C GLY C 29 10.33 -20.07 13.78
N LYS C 30 11.38 -19.34 14.12
CA LYS C 30 11.62 -18.85 15.49
C LYS C 30 11.04 -17.44 15.62
N TRP C 31 10.28 -17.24 16.69
CA TRP C 31 9.77 -15.92 17.11
C TRP C 31 10.25 -15.67 18.54
N TYR C 32 10.70 -14.46 18.81
CA TYR C 32 11.02 -13.98 20.16
C TYR C 32 9.79 -13.30 20.76
N VAL C 33 9.51 -13.52 22.03
CA VAL C 33 8.40 -12.84 22.74
C VAL C 33 8.93 -11.49 23.24
N VAL C 34 8.62 -10.43 22.49
CA VAL C 34 9.12 -9.05 22.78
C VAL C 34 8.07 -8.29 23.60
N GLY C 35 6.82 -8.75 23.59
CA GLY C 35 5.73 -8.12 24.37
C GLY C 35 4.71 -9.16 24.81
N LEU C 36 4.14 -8.97 25.98
CA LEU C 36 3.12 -9.88 26.59
C LEU C 36 2.08 -9.03 27.29
N ALA C 37 0.80 -9.27 27.05
CA ALA C 37 -0.28 -8.57 27.77
C ALA C 37 -1.38 -9.60 28.06
N GLY C 38 -1.93 -9.60 29.26
CA GLY C 38 -3.00 -10.57 29.58
C GLY C 38 -3.58 -10.36 30.95
N ASN C 39 -4.65 -11.07 31.26
CA ASN C 39 -5.38 -10.88 32.54
C ASN C 39 -4.65 -11.63 33.65
N ALA C 40 -3.63 -12.45 33.35
CA ALA C 40 -2.75 -13.02 34.40
C ALA C 40 -1.30 -12.53 34.21
N ILE C 41 -1.09 -11.44 33.47
CA ILE C 41 0.25 -10.79 33.29
C ILE C 41 0.28 -9.56 34.21
N LEU C 42 1.31 -9.44 35.05
CA LEU C 42 1.52 -8.28 35.97
C LEU C 42 2.95 -7.77 35.86
N ARG C 43 3.12 -6.46 35.59
CA ARG C 43 4.44 -5.77 35.51
C ARG C 43 5.21 -5.98 36.82
N ASP C 47 11.99 -9.92 40.06
CA ASP C 47 12.49 -10.56 38.80
C ASP C 47 11.66 -10.04 37.62
N PRO C 48 12.17 -9.03 36.85
CA PRO C 48 11.54 -8.66 35.59
C PRO C 48 11.52 -9.88 34.66
N GLN C 49 10.44 -10.04 33.91
CA GLN C 49 10.20 -11.14 32.94
C GLN C 49 11.34 -11.16 31.91
N LYS C 50 11.99 -12.32 31.76
CA LYS C 50 13.04 -12.55 30.74
C LYS C 50 12.38 -12.97 29.43
N MET C 51 12.92 -12.50 28.32
CA MET C 51 12.50 -12.93 26.96
C MET C 51 12.61 -14.45 26.85
N TYR C 52 11.68 -15.05 26.13
CA TYR C 52 11.74 -16.46 25.70
C TYR C 52 11.44 -16.48 24.21
N ALA C 53 11.65 -17.64 23.58
CA ALA C 53 11.44 -17.83 22.13
C ALA C 53 10.46 -18.98 21.91
N THR C 54 9.71 -18.91 20.81
CA THR C 54 8.74 -19.96 20.41
C THR C 54 9.03 -20.30 18.95
N ILE C 55 9.19 -21.59 18.66
CA ILE C 55 9.48 -22.13 17.31
C ILE C 55 8.25 -22.88 16.81
N TYR C 56 7.77 -22.47 15.65
CA TYR C 56 6.61 -23.07 14.94
C TYR C 56 7.12 -23.92 13.78
N GLU C 57 6.82 -25.21 13.81
CA GLU C 57 7.19 -26.16 12.73
C GLU C 57 5.91 -26.73 12.13
N LEU C 58 5.67 -26.48 10.86
CA LEU C 58 4.45 -26.93 10.14
C LEU C 58 4.62 -28.41 9.84
N LYS C 59 3.71 -29.25 10.33
CA LYS C 59 3.71 -30.71 10.06
C LYS C 59 2.99 -30.98 8.73
N GLU C 60 3.13 -32.20 8.20
CA GLU C 60 2.51 -32.63 6.93
C GLU C 60 0.99 -32.48 7.04
N ASP C 61 0.41 -32.75 8.22
CA ASP C 61 -1.06 -32.67 8.46
C ASP C 61 -1.52 -31.22 8.71
N LYS C 62 -0.61 -30.25 8.62
CA LYS C 62 -0.89 -28.78 8.68
C LYS C 62 -1.09 -28.32 10.12
N SER C 63 -0.91 -29.19 11.12
CA SER C 63 -0.78 -28.77 12.54
CA SER C 63 -0.77 -28.76 12.54
C SER C 63 0.63 -28.18 12.72
N TYR C 64 0.84 -27.40 13.77
CA TYR C 64 2.18 -26.94 14.17
C TYR C 64 2.68 -27.74 15.36
N ASN C 65 3.94 -28.16 15.27
CA ASN C 65 4.76 -28.50 16.46
CA ASN C 65 4.76 -28.50 16.45
C ASN C 65 5.29 -27.18 17.02
N VAL C 66 4.97 -26.85 18.26
CA VAL C 66 5.30 -25.54 18.86
C VAL C 66 6.19 -25.77 20.08
N THR C 67 7.42 -25.24 20.06
CA THR C 67 8.42 -25.37 21.14
C THR C 67 8.73 -23.98 21.70
N SER C 68 8.50 -23.79 22.99
CA SER C 68 8.95 -22.56 23.69
C SER C 68 10.20 -22.94 24.49
N VAL C 69 11.19 -22.08 24.44
CA VAL C 69 12.50 -22.20 25.14
C VAL C 69 12.60 -21.02 26.12
N LEU C 70 12.71 -21.31 27.41
CA LEU C 70 12.86 -20.30 28.49
C LEU C 70 14.11 -20.60 29.29
N PHE C 71 14.76 -19.57 29.82
CA PHE C 71 15.87 -19.70 30.80
C PHE C 71 15.25 -19.53 32.20
N ARG C 72 15.14 -20.63 32.97
CA ARG C 72 14.51 -20.61 34.31
CA ARG C 72 14.48 -20.64 34.30
C ARG C 72 15.33 -21.48 35.26
N LYS C 73 15.65 -20.92 36.44
CA LYS C 73 16.39 -21.60 37.53
C LYS C 73 17.68 -22.20 36.98
N LYS C 74 18.41 -21.41 36.16
CA LYS C 74 19.77 -21.71 35.63
C LYS C 74 19.71 -22.82 34.57
N LYS C 75 18.52 -23.19 34.08
CA LYS C 75 18.36 -24.27 33.06
C LYS C 75 17.52 -23.76 31.88
N CYS C 76 17.64 -24.45 30.74
CA CYS C 76 16.77 -24.25 29.57
C CYS C 76 15.54 -25.12 29.75
N ASP C 77 14.37 -24.48 29.78
CA ASP C 77 13.05 -25.16 29.96
CA ASP C 77 13.05 -25.15 29.97
C ASP C 77 12.37 -25.19 28.60
N TYR C 78 11.98 -26.39 28.16
CA TYR C 78 11.36 -26.59 26.84
C TYR C 78 9.91 -27.00 27.08
N TRP C 79 8.97 -26.31 26.46
CA TRP C 79 7.55 -26.75 26.41
C TRP C 79 7.19 -27.00 24.95
N ILE C 80 6.88 -28.25 24.61
CA ILE C 80 6.50 -28.67 23.24
C ILE C 80 5.01 -29.03 23.29
N ARG C 81 4.22 -28.45 22.40
CA ARG C 81 2.79 -28.76 22.26
C ARG C 81 2.40 -28.67 20.78
N THR C 82 1.16 -29.07 20.47
CA THR C 82 0.60 -29.16 19.11
C THR C 82 -0.52 -28.14 19.01
N PHE C 83 -0.47 -27.29 17.98
CA PHE C 83 -1.57 -26.39 17.55
C PHE C 83 -2.25 -27.04 16.35
N VAL C 84 -3.51 -27.44 16.52
CA VAL C 84 -4.36 -28.07 15.49
C VAL C 84 -5.18 -26.99 14.79
N PRO C 85 -5.20 -26.96 13.43
CA PRO C 85 -5.97 -25.94 12.70
C PRO C 85 -7.41 -25.89 13.22
N GLY C 86 -7.90 -24.69 13.49
CA GLY C 86 -9.26 -24.45 14.03
C GLY C 86 -10.19 -24.12 12.90
N SER C 87 -11.22 -23.32 13.17
CA SER C 87 -12.38 -23.12 12.26
C SER C 87 -11.97 -22.30 11.02
N GLN C 88 -11.01 -21.38 11.14
CA GLN C 88 -10.54 -20.49 10.03
C GLN C 88 -9.01 -20.49 9.99
N PRO C 89 -8.37 -20.31 8.82
CA PRO C 89 -6.91 -20.19 8.74
C PRO C 89 -6.36 -19.09 9.67
N GLY C 90 -5.36 -19.41 10.48
CA GLY C 90 -4.80 -18.53 11.51
C GLY C 90 -5.37 -18.78 12.90
N GLU C 91 -6.36 -19.65 13.01
CA GLU C 91 -6.92 -20.13 14.29
C GLU C 91 -6.44 -21.56 14.55
N PHE C 92 -6.19 -21.86 15.82
CA PHE C 92 -5.74 -23.19 16.28
C PHE C 92 -6.37 -23.49 17.62
N THR C 93 -6.47 -24.79 17.92
CA THR C 93 -6.77 -25.30 19.28
C THR C 93 -5.58 -26.13 19.75
N LEU C 94 -5.46 -26.34 21.06
CA LEU C 94 -4.37 -27.16 21.65
C LEU C 94 -4.69 -28.62 21.37
N GLY C 95 -3.76 -29.36 20.77
CA GLY C 95 -3.87 -30.83 20.63
C GLY C 95 -3.87 -31.53 21.97
N ASN C 96 -4.60 -32.64 22.09
CA ASN C 96 -4.59 -33.55 23.27
C ASN C 96 -4.90 -32.74 24.54
N ILE C 97 -6.00 -31.99 24.52
CA ILE C 97 -6.41 -31.09 25.64
C ILE C 97 -6.63 -31.93 26.92
N LYS C 98 -7.09 -33.18 26.79
CA LYS C 98 -7.33 -34.12 27.93
C LYS C 98 -6.06 -34.33 28.76
N SER C 99 -4.87 -34.21 28.15
CA SER C 99 -3.57 -34.51 28.82
C SER C 99 -3.11 -33.35 29.72
N TYR C 100 -3.82 -32.21 29.73
CA TYR C 100 -3.49 -31.05 30.59
C TYR C 100 -4.54 -30.95 31.69
N PRO C 101 -4.18 -31.27 32.97
CA PRO C 101 -5.18 -31.28 34.03
C PRO C 101 -5.89 -29.93 34.22
N GLY C 102 -7.22 -29.95 34.25
CA GLY C 102 -8.07 -28.77 34.52
C GLY C 102 -8.34 -27.95 33.27
N LEU C 103 -7.70 -28.25 32.14
CA LEU C 103 -7.84 -27.44 30.90
C LEU C 103 -9.06 -27.90 30.11
N THR C 104 -10.03 -27.02 29.86
CA THR C 104 -11.27 -27.37 29.13
C THR C 104 -11.30 -26.71 27.76
N SER C 105 -10.60 -25.60 27.53
CA SER C 105 -10.52 -24.97 26.20
C SER C 105 -9.22 -24.16 26.06
N TYR C 106 -8.69 -24.11 24.84
CA TYR C 106 -7.43 -23.42 24.50
C TYR C 106 -7.51 -22.95 23.05
N LEU C 107 -7.62 -21.64 22.84
CA LEU C 107 -7.84 -21.07 21.49
C LEU C 107 -6.65 -20.17 21.15
N VAL C 108 -6.16 -20.27 19.93
CA VAL C 108 -5.10 -19.39 19.37
C VAL C 108 -5.69 -18.68 18.16
N ARG C 109 -5.51 -17.36 18.08
CA ARG C 109 -5.90 -16.58 16.89
C ARG C 109 -4.73 -15.64 16.52
N VAL C 110 -4.17 -15.83 15.34
CA VAL C 110 -3.16 -14.89 14.78
C VAL C 110 -3.91 -13.61 14.38
N VAL C 111 -3.69 -12.53 15.12
CA VAL C 111 -4.35 -11.21 14.90
C VAL C 111 -3.76 -10.53 13.68
N SER C 112 -2.45 -10.45 13.61
CA SER C 112 -1.75 -9.69 12.54
C SER C 112 -0.32 -10.19 12.44
N THR C 113 0.24 -10.21 11.23
CA THR C 113 1.68 -10.54 11.05
C THR C 113 2.09 -10.08 9.67
N ASN C 114 3.36 -9.73 9.52
CA ASN C 114 3.98 -9.52 8.20
C ASN C 114 4.99 -10.64 7.94
N TYR C 115 4.99 -11.69 8.78
CA TYR C 115 5.75 -12.97 8.62
C TYR C 115 7.27 -12.80 8.79
N ASN C 116 7.87 -11.73 8.29
CA ASN C 116 9.36 -11.61 8.33
C ASN C 116 9.84 -10.63 9.42
N GLN C 117 8.96 -10.00 10.20
CA GLN C 117 9.44 -9.10 11.29
C GLN C 117 8.62 -9.30 12.56
N HIS C 118 7.29 -9.27 12.47
CA HIS C 118 6.44 -9.18 13.68
C HIS C 118 5.12 -9.91 13.50
N ALA C 119 4.55 -10.30 14.63
CA ALA C 119 3.20 -10.90 14.73
C ALA C 119 2.58 -10.53 16.06
N MET C 120 1.26 -10.45 16.08
CA MET C 120 0.48 -10.40 17.34
C MET C 120 -0.46 -11.59 17.35
N VAL C 121 -0.44 -12.34 18.43
CA VAL C 121 -1.23 -13.60 18.56
C VAL C 121 -1.99 -13.54 19.87
N PHE C 122 -3.29 -13.82 19.77
CA PHE C 122 -4.25 -13.86 20.88
C PHE C 122 -4.40 -15.32 21.33
N PHE C 123 -4.40 -15.53 22.64
CA PHE C 123 -4.57 -16.85 23.28
C PHE C 123 -5.66 -16.72 24.34
N LYS C 124 -6.55 -17.69 24.38
CA LYS C 124 -7.61 -17.72 25.40
C LYS C 124 -7.73 -19.15 25.89
N LYS C 125 -7.77 -19.33 27.21
CA LYS C 125 -7.87 -20.69 27.76
C LYS C 125 -8.78 -20.67 28.97
N VAL C 126 -9.48 -21.77 29.17
CA VAL C 126 -10.30 -22.01 30.39
C VAL C 126 -9.61 -23.15 31.14
N SER C 127 -9.12 -22.82 32.32
CA SER C 127 -8.40 -23.71 33.26
C SER C 127 -9.02 -23.57 34.65
N GLN C 128 -9.50 -24.67 35.23
CA GLN C 128 -10.28 -24.68 36.49
C GLN C 128 -11.48 -23.73 36.36
N ASN C 129 -12.12 -23.68 35.18
CA ASN C 129 -13.30 -22.83 34.89
C ASN C 129 -12.98 -21.34 34.96
N ARG C 130 -11.70 -20.96 35.03
CA ARG C 130 -11.26 -19.55 34.98
C ARG C 130 -10.77 -19.26 33.57
N GLU C 131 -11.17 -18.11 33.03
CA GLU C 131 -10.91 -17.74 31.63
C GLU C 131 -9.74 -16.75 31.60
N TYR C 132 -8.62 -17.19 31.04
CA TYR C 132 -7.37 -16.42 30.89
C TYR C 132 -7.23 -16.03 29.42
N PHE C 133 -6.71 -14.85 29.17
CA PHE C 133 -6.36 -14.44 27.79
C PHE C 133 -5.08 -13.65 27.83
N LYS C 134 -4.35 -13.71 26.73
CA LYS C 134 -3.14 -12.91 26.54
C LYS C 134 -2.97 -12.61 25.07
N ILE C 135 -2.21 -11.55 24.80
CA ILE C 135 -1.71 -11.17 23.46
C ILE C 135 -0.21 -11.24 23.56
N THR C 136 0.40 -11.98 22.65
CA THR C 136 1.86 -12.09 22.53
C THR C 136 2.29 -11.23 21.36
N LEU C 137 3.29 -10.39 21.57
CA LEU C 137 3.97 -9.64 20.50
C LEU C 137 5.24 -10.40 20.16
N TYR C 138 5.28 -10.97 18.98
CA TYR C 138 6.43 -11.76 18.47
C TYR C 138 7.28 -10.89 17.55
N GLY C 139 8.60 -11.07 17.62
CA GLY C 139 9.56 -10.47 16.68
C GLY C 139 10.47 -11.54 16.11
N ARG C 140 10.89 -11.39 14.85
CA ARG C 140 11.94 -12.27 14.28
C ARG C 140 13.28 -11.95 14.95
N THR C 141 13.42 -10.74 15.51
CA THR C 141 14.59 -10.33 16.32
C THR C 141 14.12 -10.01 17.73
N LYS C 142 15.08 -9.80 18.63
CA LYS C 142 14.82 -9.51 20.06
C LYS C 142 14.41 -8.04 20.25
N GLU C 143 14.48 -7.20 19.22
CA GLU C 143 14.07 -5.77 19.29
C GLU C 143 12.86 -5.52 18.38
N LEU C 144 11.96 -4.60 18.76
CA LEU C 144 11.00 -4.04 17.77
C LEU C 144 10.88 -2.52 18.00
N THR C 145 10.39 -1.87 16.97
CA THR C 145 10.30 -0.41 16.84
C THR C 145 9.31 0.11 17.90
N SER C 146 9.44 1.39 18.22
CA SER C 146 8.45 2.13 19.03
CA SER C 146 8.46 2.17 19.01
C SER C 146 7.07 2.01 18.37
N GLU C 147 7.00 2.06 17.04
CA GLU C 147 5.68 2.05 16.35
C GLU C 147 4.98 0.72 16.67
N LEU C 148 5.69 -0.40 16.55
CA LEU C 148 5.08 -1.74 16.79
C LEU C 148 4.70 -1.89 18.26
N LYS C 149 5.54 -1.43 19.18
CA LYS C 149 5.26 -1.47 20.64
C LYS C 149 4.01 -0.65 20.94
N GLU C 150 3.91 0.57 20.42
CA GLU C 150 2.72 1.45 20.64
CA GLU C 150 2.72 1.43 20.69
C GLU C 150 1.45 0.79 20.08
N ASN C 151 1.54 0.19 18.89
CA ASN C 151 0.40 -0.53 18.25
CA ASN C 151 0.39 -0.51 18.26
C ASN C 151 -0.04 -1.66 19.17
N PHE C 152 0.92 -2.38 19.75
CA PHE C 152 0.64 -3.53 20.66
C PHE C 152 -0.06 -3.01 21.92
N ILE C 153 0.44 -1.93 22.51
CA ILE C 153 -0.17 -1.32 23.73
C ILE C 153 -1.61 -0.90 23.40
N ARG C 154 -1.82 -0.21 22.28
CA ARG C 154 -3.16 0.30 21.89
C ARG C 154 -4.11 -0.90 21.71
N PHE C 155 -3.69 -1.96 21.01
CA PHE C 155 -4.51 -3.17 20.83
C PHE C 155 -4.84 -3.82 22.18
N SER C 156 -3.84 -3.98 23.05
CA SER C 156 -4.00 -4.60 24.38
C SER C 156 -5.02 -3.78 25.19
N LYS C 157 -4.93 -2.45 25.17
CA LYS C 157 -5.88 -1.58 25.91
C LYS C 157 -7.27 -1.72 25.31
N SER C 158 -7.40 -1.92 23.99
CA SER C 158 -8.72 -2.09 23.33
C SER C 158 -9.40 -3.38 23.84
N LEU C 159 -8.64 -4.33 24.36
CA LEU C 159 -9.21 -5.61 24.89
C LEU C 159 -9.43 -5.51 26.40
N GLY C 160 -9.23 -4.32 26.99
CA GLY C 160 -9.58 -3.99 28.38
C GLY C 160 -8.43 -4.17 29.36
N LEU C 161 -7.19 -4.29 28.88
CA LEU C 161 -6.02 -4.47 29.76
C LEU C 161 -5.40 -3.12 30.10
N PRO C 162 -5.17 -2.82 31.39
CA PRO C 162 -4.46 -1.60 31.76
C PRO C 162 -2.95 -1.80 31.58
N GLU C 163 -2.22 -0.70 31.64
CA GLU C 163 -0.76 -0.63 31.40
C GLU C 163 -0.02 -1.61 32.30
N ASN C 164 -0.47 -1.85 33.53
CA ASN C 164 0.26 -2.75 34.47
C ASN C 164 0.04 -4.23 34.10
N HIS C 165 -0.75 -4.55 33.07
CA HIS C 165 -0.93 -5.94 32.57
C HIS C 165 -0.20 -6.11 31.23
N ILE C 166 0.68 -5.18 30.88
CA ILE C 166 1.46 -5.21 29.61
C ILE C 166 2.95 -5.17 29.96
N VAL C 167 3.71 -6.17 29.56
CA VAL C 167 5.16 -6.25 29.89
C VAL C 167 5.98 -6.46 28.62
N PHE C 168 7.22 -6.00 28.64
CA PHE C 168 8.18 -6.12 27.53
C PHE C 168 9.35 -6.92 28.05
N PRO C 169 9.37 -8.26 27.87
CA PRO C 169 10.44 -9.07 28.42
C PRO C 169 11.83 -8.57 28.01
N VAL C 170 12.79 -8.67 28.92
CA VAL C 170 14.19 -8.19 28.72
C VAL C 170 14.92 -9.20 27.85
N PRO C 171 15.57 -8.76 26.75
CA PRO C 171 16.39 -9.66 25.94
C PRO C 171 17.46 -10.36 26.77
N ILE C 172 17.67 -11.65 26.55
CA ILE C 172 18.75 -12.48 27.16
C ILE C 172 19.39 -13.28 26.02
N ASP C 173 20.52 -13.90 26.31
CA ASP C 173 21.28 -14.73 25.35
C ASP C 173 21.17 -16.21 25.72
N GLN C 174 20.98 -16.54 27.01
CA GLN C 174 20.96 -17.98 27.46
C GLN C 174 19.76 -18.68 26.83
N CYS C 175 19.98 -19.87 26.26
CA CYS C 175 18.95 -20.84 25.82
C CYS C 175 18.29 -20.40 24.50
N ILE C 176 17.96 -19.12 24.33
CA ILE C 176 17.00 -18.70 23.26
C ILE C 176 17.75 -18.32 21.97
N ASP C 177 19.07 -18.26 21.99
CA ASP C 177 19.91 -18.16 20.77
C ASP C 177 20.14 -19.55 20.19
#